data_1EEI
#
_entry.id   1EEI
#
_cell.length_a   68.900
_cell.length_b   69.550
_cell.length_c   130.660
_cell.angle_alpha   90.00
_cell.angle_beta   90.00
_cell.angle_gamma   90.00
#
_symmetry.space_group_name_H-M   'P 21 21 21'
#
loop_
_entity.id
_entity.type
_entity.pdbx_description
1 polymer 'PROTEIN (CHOLERA TOXIN B)'
2 non-polymer '3-nitrophenyl alpha-D-galactopyranoside'
3 water water
#
_entity_poly.entity_id   1
_entity_poly.type   'polypeptide(L)'
_entity_poly.pdbx_seq_one_letter_code
;TPQNITDLCAEYHNTQIHTLNDKIFSYTESLAGKREMAIITFKNGATFQVEVPGSQHIDSQKKAIERMKDTLRIAYLTEA
KVEKLCVWNNKTPHAIAAISMAN
;
_entity_poly.pdbx_strand_id   D,E,F,G,H
#
# COMPACT_ATOMS: atom_id res chain seq x y z
N THR A 1 -27.83 -4.99 -8.93
CA THR A 1 -26.64 -4.51 -8.18
C THR A 1 -27.03 -3.51 -7.11
N PRO A 2 -26.69 -3.81 -5.84
CA PRO A 2 -27.04 -2.89 -4.74
C PRO A 2 -26.41 -1.50 -4.92
N GLN A 3 -27.05 -0.49 -4.37
CA GLN A 3 -26.54 0.85 -4.49
C GLN A 3 -26.00 1.34 -3.17
N ASN A 4 -26.09 0.50 -2.14
CA ASN A 4 -25.63 0.90 -0.83
C ASN A 4 -25.38 -0.34 0.02
N ILE A 5 -24.73 -0.13 1.17
CA ILE A 5 -24.36 -1.20 2.08
C ILE A 5 -25.56 -1.98 2.63
N THR A 6 -26.63 -1.25 2.91
CA THR A 6 -27.81 -1.88 3.47
C THR A 6 -28.45 -2.87 2.52
N ASP A 7 -28.65 -2.43 1.30
CA ASP A 7 -29.22 -3.29 0.30
C ASP A 7 -28.31 -4.50 0.05
N LEU A 8 -27.01 -4.27 0.01
CA LEU A 8 -26.06 -5.35 -0.22
C LEU A 8 -26.12 -6.37 0.89
N CYS A 9 -26.16 -5.89 2.13
CA CYS A 9 -26.18 -6.76 3.29
C CYS A 9 -27.39 -7.69 3.25
N ALA A 10 -28.51 -7.12 2.85
CA ALA A 10 -29.78 -7.84 2.75
C ALA A 10 -29.84 -9.03 1.79
N GLU A 11 -28.85 -9.16 0.92
CA GLU A 11 -28.84 -10.27 -0.02
C GLU A 11 -28.26 -11.53 0.58
N TYR A 12 -27.87 -11.48 1.86
CA TYR A 12 -27.26 -12.64 2.49
C TYR A 12 -28.01 -13.07 3.75
N HIS A 13 -27.91 -14.36 4.07
CA HIS A 13 -28.54 -14.88 5.25
C HIS A 13 -27.69 -14.50 6.49
N ASN A 14 -28.38 -14.40 7.61
CA ASN A 14 -27.80 -13.97 8.87
C ASN A 14 -26.70 -12.96 8.80
N THR A 15 -27.10 -11.80 8.36
CA THR A 15 -26.24 -10.67 8.29
C THR A 15 -27.10 -9.60 8.91
N GLN A 16 -26.47 -8.52 9.37
CA GLN A 16 -27.23 -7.43 9.90
C GLN A 16 -26.34 -6.23 9.83
N ILE A 17 -26.97 -5.07 9.79
CA ILE A 17 -26.24 -3.83 9.72
C ILE A 17 -26.08 -3.28 11.14
N HIS A 18 -24.91 -2.71 11.40
CA HIS A 18 -24.63 -2.07 12.66
C HIS A 18 -24.25 -0.66 12.29
N THR A 19 -25.05 0.30 12.73
CA THR A 19 -24.73 1.69 12.44
C THR A 19 -23.86 2.15 13.59
N LEU A 20 -22.65 2.57 13.26
CA LEU A 20 -21.70 3.02 14.24
C LEU A 20 -21.48 4.53 14.18
N ASN A 21 -21.35 5.07 12.97
CA ASN A 21 -21.10 6.49 12.77
C ASN A 21 -20.11 7.00 13.80
N ASP A 22 -18.92 6.39 13.87
CA ASP A 22 -17.92 6.77 14.84
C ASP A 22 -16.60 6.20 14.35
N LYS A 23 -15.47 6.75 14.79
CA LYS A 23 -14.16 6.24 14.39
C LYS A 23 -13.93 4.95 15.18
N ILE A 24 -12.99 4.12 14.71
CA ILE A 24 -12.70 2.85 15.37
C ILE A 24 -11.96 3.12 16.66
N PHE A 25 -12.43 2.52 17.76
CA PHE A 25 -11.78 2.73 19.05
C PHE A 25 -10.44 2.00 19.17
N SER A 26 -10.41 0.74 18.78
CA SER A 26 -9.15 -0.01 18.87
C SER A 26 -8.98 -0.93 17.68
N TYR A 27 -7.73 -1.16 17.32
CA TYR A 27 -7.39 -2.01 16.18
C TYR A 27 -6.37 -3.05 16.62
N THR A 28 -6.68 -4.32 16.39
CA THR A 28 -5.81 -5.43 16.74
C THR A 28 -5.64 -6.39 15.57
N GLU A 29 -4.41 -6.82 15.30
CA GLU A 29 -4.16 -7.79 14.23
C GLU A 29 -3.19 -8.84 14.72
N SER A 30 -3.32 -10.06 14.21
CA SER A 30 -2.49 -11.17 14.63
C SER A 30 -1.96 -11.96 13.48
N LEU A 31 -0.73 -12.42 13.65
CA LEU A 31 -0.12 -13.25 12.62
C LEU A 31 -0.05 -14.66 13.18
N ALA A 32 -0.46 -14.83 14.43
CA ALA A 32 -0.41 -16.12 15.08
C ALA A 32 -1.14 -17.21 14.28
N GLY A 33 -0.51 -18.39 14.26
CA GLY A 33 -1.05 -19.53 13.52
C GLY A 33 -2.51 -19.78 13.81
N LYS A 34 -3.31 -19.88 12.75
CA LYS A 34 -4.75 -20.12 12.85
C LYS A 34 -5.48 -18.91 13.44
N ARG A 35 -4.75 -17.84 13.72
CA ARG A 35 -5.36 -16.62 14.25
C ARG A 35 -4.86 -15.40 13.48
N GLU A 36 -4.67 -15.60 12.17
CA GLU A 36 -4.24 -14.53 11.27
C GLU A 36 -5.52 -13.75 10.97
N MET A 37 -5.85 -12.81 11.85
CA MET A 37 -7.10 -12.06 11.75
C MET A 37 -6.95 -10.66 12.28
N ALA A 38 -8.06 -9.93 12.23
CA ALA A 38 -8.12 -8.56 12.71
C ALA A 38 -9.39 -8.39 13.50
N ILE A 39 -9.29 -7.59 14.54
CA ILE A 39 -10.42 -7.29 15.39
C ILE A 39 -10.46 -5.79 15.62
N ILE A 40 -11.65 -5.23 15.57
CA ILE A 40 -11.81 -3.80 15.83
C ILE A 40 -12.92 -3.60 16.84
N THR A 41 -12.82 -2.54 17.61
CA THR A 41 -13.87 -2.24 18.57
C THR A 41 -14.12 -0.75 18.55
N PHE A 42 -15.30 -0.39 19.02
CA PHE A 42 -15.72 1.00 19.08
C PHE A 42 -15.95 1.32 20.56
N LYS A 43 -15.71 2.57 20.96
CA LYS A 43 -15.86 2.96 22.37
C LYS A 43 -17.09 2.46 23.10
N ASN A 44 -18.14 2.13 22.37
CA ASN A 44 -19.36 1.63 22.97
C ASN A 44 -19.28 0.14 23.35
N GLY A 45 -18.14 -0.49 23.04
CA GLY A 45 -17.97 -1.89 23.35
C GLY A 45 -18.17 -2.86 22.20
N ALA A 46 -18.71 -2.38 21.09
CA ALA A 46 -18.94 -3.23 19.94
C ALA A 46 -17.63 -3.76 19.39
N THR A 47 -17.62 -5.06 19.07
CA THR A 47 -16.43 -5.72 18.57
C THR A 47 -16.71 -6.51 17.31
N PHE A 48 -15.82 -6.41 16.33
CA PHE A 48 -16.01 -7.14 15.07
C PHE A 48 -14.69 -7.74 14.63
N GLN A 49 -14.77 -8.79 13.84
CA GLN A 49 -13.53 -9.36 13.36
C GLN A 49 -13.58 -9.46 11.86
N VAL A 50 -12.39 -9.68 11.30
CA VAL A 50 -12.26 -9.97 9.89
C VAL A 50 -11.68 -11.36 10.05
N GLU A 51 -12.53 -12.35 9.79
CA GLU A 51 -12.16 -13.75 9.92
C GLU A 51 -10.86 -14.19 9.28
N VAL A 52 -10.34 -15.29 9.81
CA VAL A 52 -9.14 -15.91 9.27
C VAL A 52 -9.60 -16.40 7.88
N PRO A 53 -8.76 -16.30 6.86
CA PRO A 53 -9.21 -16.77 5.54
C PRO A 53 -9.45 -18.22 5.69
N GLY A 54 -10.50 -18.74 5.10
CA GLY A 54 -10.76 -20.16 5.25
C GLY A 54 -11.57 -20.73 4.12
N SER A 55 -12.00 -21.98 4.29
CA SER A 55 -12.81 -22.70 3.31
C SER A 55 -14.17 -22.08 3.14
N GLN A 56 -14.63 -21.32 4.13
CA GLN A 56 -15.93 -20.68 4.06
C GLN A 56 -15.84 -19.54 3.07
N HIS A 57 -14.64 -19.18 2.68
CA HIS A 57 -14.49 -18.09 1.73
C HIS A 57 -14.18 -18.62 0.36
N ILE A 58 -14.78 -18.02 -0.66
CA ILE A 58 -14.49 -18.43 -2.04
C ILE A 58 -13.23 -17.68 -2.51
N ASP A 59 -12.65 -18.15 -3.61
CA ASP A 59 -11.42 -17.58 -4.16
C ASP A 59 -11.46 -16.09 -4.41
N SER A 60 -12.56 -15.62 -4.95
CA SER A 60 -12.70 -14.21 -5.25
C SER A 60 -12.67 -13.39 -3.98
N GLN A 61 -13.02 -14.00 -2.85
CA GLN A 61 -13.06 -13.29 -1.59
C GLN A 61 -11.72 -13.04 -0.91
N LYS A 62 -10.79 -13.98 -1.08
CA LYS A 62 -9.47 -13.89 -0.44
C LYS A 62 -8.80 -12.53 -0.63
N LYS A 63 -8.77 -12.01 -1.84
CA LYS A 63 -8.17 -10.69 -2.07
C LYS A 63 -9.02 -9.61 -1.37
N ALA A 64 -10.33 -9.78 -1.33
CA ALA A 64 -11.19 -8.78 -0.69
C ALA A 64 -10.98 -8.79 0.79
N ILE A 65 -10.56 -9.94 1.31
CA ILE A 65 -10.31 -10.02 2.74
C ILE A 65 -9.06 -9.20 3.10
N GLU A 66 -8.03 -9.36 2.29
CA GLU A 66 -6.81 -8.62 2.50
C GLU A 66 -7.08 -7.12 2.42
N ARG A 67 -7.95 -6.75 1.49
CA ARG A 67 -8.31 -5.35 1.31
C ARG A 67 -9.04 -4.79 2.51
N MET A 68 -10.00 -5.54 3.03
CA MET A 68 -10.74 -5.07 4.19
C MET A 68 -9.80 -4.75 5.33
N LYS A 69 -8.83 -5.64 5.56
CA LYS A 69 -7.87 -5.40 6.61
C LYS A 69 -7.03 -4.14 6.37
N ASP A 70 -6.67 -3.87 5.11
CA ASP A 70 -5.90 -2.66 4.81
C ASP A 70 -6.80 -1.49 5.13
N THR A 71 -8.06 -1.62 4.75
CA THR A 71 -9.04 -0.58 5.00
C THR A 71 -9.21 -0.29 6.49
N LEU A 72 -9.45 -1.33 7.27
CA LEU A 72 -9.64 -1.13 8.70
C LEU A 72 -8.43 -0.51 9.35
N ARG A 73 -7.23 -0.97 8.94
CA ARG A 73 -6.01 -0.43 9.54
C ARG A 73 -5.90 1.06 9.33
N ILE A 74 -6.11 1.48 8.09
CA ILE A 74 -5.99 2.88 7.74
C ILE A 74 -7.11 3.74 8.31
N ALA A 75 -8.33 3.23 8.33
CA ALA A 75 -9.46 3.96 8.88
C ALA A 75 -9.14 4.23 10.34
N TYR A 76 -8.57 3.21 10.98
CA TYR A 76 -8.23 3.35 12.38
C TYR A 76 -7.18 4.43 12.57
N LEU A 77 -6.05 4.25 11.92
CA LEU A 77 -4.96 5.21 12.05
C LEU A 77 -5.32 6.66 11.68
N THR A 78 -6.37 6.84 10.89
CA THR A 78 -6.77 8.17 10.47
C THR A 78 -7.99 8.64 11.23
N GLU A 79 -8.57 7.77 12.07
CA GLU A 79 -9.78 8.11 12.83
C GLU A 79 -10.95 8.34 11.87
N ALA A 80 -10.90 7.74 10.69
CA ALA A 80 -11.96 7.91 9.73
C ALA A 80 -13.27 7.45 10.36
N LYS A 81 -14.33 8.21 10.17
CA LYS A 81 -15.61 7.79 10.72
C LYS A 81 -16.20 6.61 9.99
N VAL A 82 -16.65 5.62 10.74
CA VAL A 82 -17.25 4.45 10.13
C VAL A 82 -18.73 4.69 10.25
N GLU A 83 -19.44 4.71 9.13
CA GLU A 83 -20.87 4.91 9.18
C GLU A 83 -21.52 3.58 9.56
N LYS A 84 -21.44 2.59 8.67
CA LYS A 84 -22.03 1.28 8.92
C LYS A 84 -21.13 0.09 8.66
N LEU A 85 -21.55 -1.05 9.18
CA LEU A 85 -20.87 -2.31 9.01
C LEU A 85 -21.90 -3.41 8.75
N CYS A 86 -21.67 -4.19 7.71
CA CYS A 86 -22.55 -5.33 7.43
C CYS A 86 -21.77 -6.49 8.00
N VAL A 87 -22.42 -7.30 8.82
CA VAL A 87 -21.74 -8.43 9.45
C VAL A 87 -22.57 -9.71 9.47
N TRP A 88 -21.86 -10.84 9.57
CA TRP A 88 -22.50 -12.15 9.70
C TRP A 88 -22.81 -12.34 11.20
N ASN A 89 -24.06 -12.70 11.50
CA ASN A 89 -24.56 -12.91 12.86
C ASN A 89 -24.19 -14.24 13.47
N ASN A 90 -23.78 -15.16 12.62
CA ASN A 90 -23.42 -16.50 13.07
C ASN A 90 -21.96 -16.73 13.43
N LYS A 91 -21.29 -15.69 13.91
CA LYS A 91 -19.87 -15.77 14.30
C LYS A 91 -19.68 -14.82 15.47
N THR A 92 -18.82 -15.20 16.40
CA THR A 92 -18.52 -14.38 17.56
C THR A 92 -17.02 -14.15 17.70
N PRO A 93 -16.57 -12.90 17.51
CA PRO A 93 -17.38 -11.71 17.22
C PRO A 93 -17.98 -11.77 15.83
N HIS A 94 -18.92 -10.87 15.58
CA HIS A 94 -19.55 -10.86 14.28
C HIS A 94 -18.50 -10.54 13.22
N ALA A 95 -18.56 -11.31 12.14
CA ALA A 95 -17.60 -11.18 11.06
C ALA A 95 -18.02 -10.11 10.08
N ILE A 96 -17.08 -9.25 9.73
CA ILE A 96 -17.32 -8.17 8.80
C ILE A 96 -17.49 -8.59 7.32
N ALA A 97 -18.59 -8.15 6.73
CA ALA A 97 -18.92 -8.45 5.34
C ALA A 97 -18.67 -7.22 4.45
N ALA A 98 -18.97 -6.05 4.98
CA ALA A 98 -18.79 -4.81 4.24
C ALA A 98 -18.72 -3.66 5.23
N ILE A 99 -18.20 -2.51 4.74
CA ILE A 99 -18.06 -1.30 5.56
C ILE A 99 -18.39 -0.06 4.71
N SER A 100 -19.00 0.95 5.34
CA SER A 100 -19.32 2.21 4.64
C SER A 100 -18.79 3.33 5.51
N MET A 101 -18.16 4.30 4.86
CA MET A 101 -17.61 5.43 5.60
C MET A 101 -18.14 6.69 4.97
N ALA A 102 -18.48 7.66 5.80
CA ALA A 102 -18.98 8.93 5.31
C ALA A 102 -18.78 9.97 6.37
N ASN A 103 -18.46 11.18 5.92
CA ASN A 103 -18.25 12.33 6.77
C ASN A 103 -19.61 12.78 7.25
N THR B 1 -3.15 6.75 -29.02
CA THR B 1 -3.22 6.71 -27.53
C THR B 1 -3.75 8.02 -26.96
N PRO B 2 -4.83 7.95 -26.19
CA PRO B 2 -5.47 9.11 -25.57
C PRO B 2 -4.58 9.88 -24.62
N GLN B 3 -4.79 11.18 -24.55
CA GLN B 3 -3.98 12.01 -23.69
C GLN B 3 -4.77 12.59 -22.51
N ASN B 4 -6.06 12.26 -22.42
CA ASN B 4 -6.87 12.77 -21.32
C ASN B 4 -8.04 11.80 -21.15
N ILE B 5 -8.71 11.89 -20.02
CA ILE B 5 -9.81 11.00 -19.68
C ILE B 5 -10.99 11.10 -20.64
N THR B 6 -11.26 12.28 -21.14
CA THR B 6 -12.39 12.47 -22.03
C THR B 6 -12.19 11.72 -23.34
N ASP B 7 -11.03 11.88 -23.96
CA ASP B 7 -10.73 11.23 -25.22
C ASP B 7 -10.72 9.73 -25.02
N LEU B 8 -10.24 9.32 -23.85
CA LEU B 8 -10.18 7.92 -23.54
C LEU B 8 -11.61 7.36 -23.47
N CYS B 9 -12.45 8.05 -22.72
CA CYS B 9 -13.83 7.60 -22.55
C CYS B 9 -14.52 7.43 -23.89
N ALA B 10 -14.31 8.39 -24.79
CA ALA B 10 -14.93 8.40 -26.09
C ALA B 10 -14.56 7.22 -26.94
N GLU B 11 -13.56 6.46 -26.50
CA GLU B 11 -13.15 5.30 -27.28
C GLU B 11 -14.05 4.10 -27.12
N TYR B 12 -14.99 4.17 -26.18
CA TYR B 12 -15.87 3.05 -25.91
C TYR B 12 -17.33 3.38 -26.08
N HIS B 13 -18.13 2.34 -26.24
CA HIS B 13 -19.57 2.50 -26.36
C HIS B 13 -20.14 2.51 -24.93
N ASN B 14 -21.36 3.02 -24.78
CA ASN B 14 -22.05 3.07 -23.50
C ASN B 14 -21.28 3.74 -22.36
N THR B 15 -20.51 4.76 -22.66
CA THR B 15 -19.78 5.44 -21.61
C THR B 15 -20.11 6.90 -21.56
N GLN B 16 -19.71 7.54 -20.49
CA GLN B 16 -19.91 8.97 -20.36
C GLN B 16 -19.05 9.53 -19.25
N ILE B 17 -18.75 10.81 -19.37
CA ILE B 17 -17.98 11.54 -18.41
C ILE B 17 -18.92 12.24 -17.41
N HIS B 18 -18.67 12.08 -16.12
CA HIS B 18 -19.46 12.80 -15.13
C HIS B 18 -18.45 13.77 -14.60
N THR B 19 -18.78 15.05 -14.63
CA THR B 19 -17.86 16.03 -14.10
C THR B 19 -18.30 16.38 -12.69
N LEU B 20 -17.49 16.00 -11.72
CA LEU B 20 -17.80 16.23 -10.32
C LEU B 20 -17.10 17.41 -9.70
N ASN B 21 -15.79 17.53 -9.91
CA ASN B 21 -15.02 18.60 -9.30
C ASN B 21 -15.41 18.67 -7.81
N ASP B 22 -15.33 17.53 -7.15
CA ASP B 22 -15.73 17.47 -5.75
C ASP B 22 -15.12 16.27 -5.07
N LYS B 23 -15.01 16.31 -3.74
CA LYS B 23 -14.46 15.17 -3.00
C LYS B 23 -15.53 14.09 -2.96
N ILE B 24 -15.12 12.85 -2.70
CA ILE B 24 -16.06 11.72 -2.61
C ILE B 24 -16.82 11.82 -1.30
N PHE B 25 -18.15 11.70 -1.35
CA PHE B 25 -18.91 11.80 -0.12
C PHE B 25 -18.89 10.54 0.73
N SER B 26 -19.00 9.38 0.09
CA SER B 26 -18.97 8.15 0.86
C SER B 26 -18.29 7.04 0.11
N TYR B 27 -17.70 6.15 0.90
CA TYR B 27 -16.99 5.00 0.37
C TYR B 27 -17.51 3.75 1.06
N THR B 28 -17.83 2.76 0.24
CA THR B 28 -18.37 1.50 0.71
C THR B 28 -17.62 0.37 0.01
N GLU B 29 -17.12 -0.57 0.81
CA GLU B 29 -16.33 -1.71 0.35
C GLU B 29 -16.92 -3.01 0.89
N SER B 30 -16.98 -4.02 0.03
CA SER B 30 -17.54 -5.29 0.40
C SER B 30 -16.66 -6.48 0.06
N LEU B 31 -16.59 -7.43 0.98
CA LEU B 31 -15.81 -8.62 0.74
C LEU B 31 -16.78 -9.77 0.55
N ALA B 32 -18.07 -9.50 0.71
CA ALA B 32 -19.09 -10.53 0.54
C ALA B 32 -19.00 -11.21 -0.81
N GLY B 33 -19.17 -12.54 -0.78
CA GLY B 33 -19.10 -13.36 -1.98
C GLY B 33 -20.01 -12.87 -3.12
N LYS B 34 -19.41 -12.79 -4.30
CA LYS B 34 -20.10 -12.31 -5.50
C LYS B 34 -20.42 -10.82 -5.41
N ARG B 35 -20.05 -10.20 -4.30
CA ARG B 35 -20.24 -8.77 -4.11
C ARG B 35 -18.95 -8.11 -3.66
N GLU B 36 -17.81 -8.62 -4.13
CA GLU B 36 -16.51 -8.04 -3.77
C GLU B 36 -16.41 -6.82 -4.67
N MET B 37 -16.81 -5.67 -4.15
CA MET B 37 -16.85 -4.42 -4.92
C MET B 37 -16.71 -3.20 -4.02
N ALA B 38 -16.65 -2.04 -4.66
CA ALA B 38 -16.59 -0.77 -3.94
C ALA B 38 -17.68 0.12 -4.53
N ILE B 39 -18.24 0.98 -3.68
CA ILE B 39 -19.29 1.87 -4.13
C ILE B 39 -19.01 3.24 -3.54
N ILE B 40 -19.07 4.28 -4.36
CA ILE B 40 -18.88 5.63 -3.83
C ILE B 40 -20.04 6.53 -4.16
N THR B 41 -20.23 7.58 -3.38
CA THR B 41 -21.29 8.54 -3.65
C THR B 41 -20.70 9.93 -3.54
N PHE B 42 -21.41 10.90 -4.09
CA PHE B 42 -21.03 12.30 -4.00
C PHE B 42 -22.24 12.95 -3.30
N LYS B 43 -22.05 14.11 -2.66
CA LYS B 43 -23.16 14.73 -1.92
C LYS B 43 -24.38 15.00 -2.78
N ASN B 44 -24.20 15.07 -4.09
CA ASN B 44 -25.30 15.31 -5.01
C ASN B 44 -26.12 14.03 -5.27
N GLY B 45 -25.83 12.97 -4.51
CA GLY B 45 -26.53 11.71 -4.67
C GLY B 45 -25.99 10.79 -5.75
N ALA B 46 -25.03 11.26 -6.53
CA ALA B 46 -24.43 10.44 -7.60
C ALA B 46 -23.70 9.21 -7.05
N THR B 47 -24.06 8.05 -7.58
CA THR B 47 -23.49 6.79 -7.15
C THR B 47 -22.73 6.09 -8.24
N PHE B 48 -21.61 5.51 -7.86
CA PHE B 48 -20.80 4.79 -8.81
C PHE B 48 -20.26 3.55 -8.16
N GLN B 49 -19.83 2.61 -8.97
CA GLN B 49 -19.31 1.38 -8.41
C GLN B 49 -18.10 0.93 -9.19
N VAL B 50 -17.31 0.09 -8.56
CA VAL B 50 -16.22 -0.54 -9.27
C VAL B 50 -16.78 -1.97 -9.32
N GLU B 51 -17.09 -2.43 -10.52
CA GLU B 51 -17.67 -3.76 -10.70
C GLU B 51 -16.89 -4.93 -10.16
N VAL B 52 -17.63 -5.97 -9.77
CA VAL B 52 -17.04 -7.23 -9.30
C VAL B 52 -16.37 -7.75 -10.56
N PRO B 53 -15.11 -8.19 -10.48
CA PRO B 53 -14.49 -8.69 -11.68
C PRO B 53 -15.37 -9.77 -12.27
N GLY B 54 -15.71 -9.62 -13.55
CA GLY B 54 -16.57 -10.60 -14.16
C GLY B 54 -16.16 -10.98 -15.57
N SER B 55 -16.99 -11.81 -16.16
CA SER B 55 -16.78 -12.30 -17.51
C SER B 55 -16.64 -11.15 -18.53
N GLN B 56 -17.25 -10.00 -18.23
CA GLN B 56 -17.18 -8.87 -19.13
C GLN B 56 -15.80 -8.24 -19.15
N HIS B 57 -14.97 -8.64 -18.20
CA HIS B 57 -13.62 -8.09 -18.11
C HIS B 57 -12.58 -9.01 -18.68
N ILE B 58 -11.52 -8.42 -19.21
CA ILE B 58 -10.42 -9.20 -19.71
C ILE B 58 -9.40 -9.24 -18.58
N ASP B 59 -8.53 -10.26 -18.61
CA ASP B 59 -7.54 -10.43 -17.56
C ASP B 59 -6.81 -9.17 -17.23
N SER B 60 -6.42 -8.43 -18.26
CA SER B 60 -5.66 -7.20 -18.08
C SER B 60 -6.37 -6.19 -17.18
N GLN B 61 -7.66 -6.37 -16.99
CA GLN B 61 -8.41 -5.44 -16.16
C GLN B 61 -8.44 -5.75 -14.64
N LYS B 62 -8.23 -7.01 -14.27
CA LYS B 62 -8.26 -7.38 -12.85
C LYS B 62 -7.38 -6.49 -12.01
N LYS B 63 -6.14 -6.30 -12.46
CA LYS B 63 -5.17 -5.48 -11.76
C LYS B 63 -5.60 -4.03 -11.68
N ALA B 64 -6.17 -3.52 -12.77
CA ALA B 64 -6.58 -2.12 -12.80
C ALA B 64 -7.80 -1.94 -11.92
N ILE B 65 -8.59 -3.01 -11.78
CA ILE B 65 -9.77 -2.96 -10.96
C ILE B 65 -9.34 -2.82 -9.49
N GLU B 66 -8.35 -3.58 -9.09
CA GLU B 66 -7.88 -3.48 -7.71
C GLU B 66 -7.26 -2.10 -7.40
N ARG B 67 -6.43 -1.61 -8.31
CA ARG B 67 -5.79 -0.31 -8.16
C ARG B 67 -6.86 0.76 -8.09
N MET B 68 -7.90 0.65 -8.91
CA MET B 68 -8.98 1.64 -8.89
C MET B 68 -9.59 1.75 -7.50
N LYS B 69 -9.84 0.59 -6.90
CA LYS B 69 -10.39 0.58 -5.56
C LYS B 69 -9.41 1.19 -4.58
N ASP B 70 -8.12 0.93 -4.80
CA ASP B 70 -7.08 1.51 -3.97
C ASP B 70 -7.20 3.01 -4.11
N THR B 71 -7.28 3.46 -5.35
CA THR B 71 -7.37 4.87 -5.65
C THR B 71 -8.57 5.55 -5.03
N LEU B 72 -9.75 4.93 -5.13
CA LEU B 72 -10.97 5.52 -4.57
C LEU B 72 -10.87 5.68 -3.06
N ARG B 73 -10.21 4.73 -2.41
CA ARG B 73 -10.07 4.77 -0.95
C ARG B 73 -9.14 5.89 -0.48
N ILE B 74 -7.96 6.01 -1.07
CA ILE B 74 -7.02 7.04 -0.65
C ILE B 74 -7.56 8.44 -0.97
N ALA B 75 -8.24 8.58 -2.11
CA ALA B 75 -8.84 9.85 -2.47
C ALA B 75 -9.92 10.27 -1.45
N TYR B 76 -10.76 9.31 -1.06
CA TYR B 76 -11.79 9.62 -0.10
C TYR B 76 -11.14 10.05 1.19
N LEU B 77 -10.15 9.29 1.64
CA LEU B 77 -9.49 9.64 2.89
C LEU B 77 -8.83 11.00 2.85
N THR B 78 -8.10 11.28 1.78
CA THR B 78 -7.43 12.56 1.64
C THR B 78 -8.39 13.66 1.23
N GLU B 79 -9.64 13.32 0.96
CA GLU B 79 -10.62 14.31 0.54
C GLU B 79 -10.15 15.05 -0.71
N ALA B 80 -9.47 14.33 -1.61
CA ALA B 80 -8.96 14.91 -2.82
C ALA B 80 -10.14 15.14 -3.75
N LYS B 81 -10.10 16.22 -4.50
CA LYS B 81 -11.17 16.59 -5.42
C LYS B 81 -11.15 15.71 -6.70
N VAL B 82 -12.23 14.98 -6.94
CA VAL B 82 -12.30 14.16 -8.13
C VAL B 82 -12.76 15.09 -9.26
N GLU B 83 -11.96 15.16 -10.33
CA GLU B 83 -12.33 16.00 -11.45
C GLU B 83 -13.47 15.34 -12.25
N LYS B 84 -13.15 14.26 -12.95
CA LYS B 84 -14.11 13.52 -13.78
C LYS B 84 -14.08 11.99 -13.56
N LEU B 85 -15.18 11.35 -13.95
CA LEU B 85 -15.26 9.91 -13.89
C LEU B 85 -15.74 9.46 -15.23
N CYS B 86 -15.02 8.54 -15.85
CA CYS B 86 -15.49 7.97 -17.10
C CYS B 86 -16.17 6.70 -16.66
N VAL B 87 -17.43 6.56 -17.03
CA VAL B 87 -18.22 5.43 -16.64
C VAL B 87 -18.98 4.80 -17.81
N TRP B 88 -19.30 3.51 -17.67
CA TRP B 88 -20.12 2.80 -18.64
C TRP B 88 -21.53 3.10 -18.07
N ASN B 89 -22.41 3.69 -18.87
CA ASN B 89 -23.74 4.08 -18.39
C ASN B 89 -24.83 3.05 -18.62
N ASN B 90 -24.43 1.82 -18.90
CA ASN B 90 -25.37 0.74 -19.11
C ASN B 90 -25.43 -0.20 -17.89
N LYS B 91 -25.02 0.33 -16.72
CA LYS B 91 -25.04 -0.44 -15.47
C LYS B 91 -25.54 0.48 -14.36
N THR B 92 -26.15 -0.11 -13.36
CA THR B 92 -26.64 0.66 -12.24
C THR B 92 -26.09 0.02 -10.98
N PRO B 93 -25.28 0.76 -10.20
CA PRO B 93 -24.83 2.14 -10.42
C PRO B 93 -23.89 2.18 -11.61
N HIS B 94 -23.63 3.37 -12.10
CA HIS B 94 -22.70 3.50 -13.21
C HIS B 94 -21.33 2.95 -12.79
N ALA B 95 -20.75 2.13 -13.68
CA ALA B 95 -19.46 1.48 -13.49
C ALA B 95 -18.27 2.35 -13.92
N ILE B 96 -17.36 2.58 -12.99
CA ILE B 96 -16.17 3.39 -13.24
C ILE B 96 -15.20 2.76 -14.22
N ALA B 97 -14.87 3.52 -15.26
CA ALA B 97 -13.94 3.06 -16.27
C ALA B 97 -12.63 3.79 -16.04
N ALA B 98 -12.73 5.04 -15.62
CA ALA B 98 -11.53 5.84 -15.38
C ALA B 98 -11.85 6.98 -14.43
N ILE B 99 -10.79 7.57 -13.89
CA ILE B 99 -10.93 8.69 -12.98
C ILE B 99 -9.81 9.66 -13.19
N SER B 100 -10.08 10.94 -12.98
CA SER B 100 -9.07 11.96 -13.12
C SER B 100 -9.20 12.87 -11.90
N MET B 101 -8.07 13.40 -11.48
CA MET B 101 -8.02 14.32 -10.37
C MET B 101 -7.09 15.46 -10.73
N ALA B 102 -7.58 16.66 -10.50
CA ALA B 102 -6.86 17.89 -10.74
C ALA B 102 -7.47 18.86 -9.74
N ASN B 103 -6.75 19.92 -9.37
CA ASN B 103 -7.24 20.94 -8.43
C ASN B 103 -7.56 20.41 -7.01
N THR C 1 26.38 0.32 -13.12
CA THR C 1 25.05 0.77 -12.62
C THR C 1 24.97 2.29 -12.54
N PRO C 2 23.95 2.91 -13.13
CA PRO C 2 23.83 4.38 -13.08
C PRO C 2 23.67 4.90 -11.65
N GLN C 3 23.94 6.19 -11.46
CA GLN C 3 23.84 6.80 -10.14
C GLN C 3 22.82 7.91 -10.07
N ASN C 4 22.12 8.15 -11.17
CA ASN C 4 21.11 9.19 -11.25
C ASN C 4 20.23 8.91 -12.47
N ILE C 5 19.07 9.55 -12.49
CA ILE C 5 18.10 9.36 -13.54
C ILE C 5 18.68 9.75 -14.90
N THR C 6 19.50 10.78 -14.93
CA THR C 6 20.08 11.20 -16.19
C THR C 6 20.97 10.13 -16.79
N ASP C 7 21.86 9.59 -15.99
CA ASP C 7 22.73 8.54 -16.48
C ASP C 7 21.94 7.28 -16.79
N LEU C 8 20.94 6.96 -15.99
CA LEU C 8 20.14 5.78 -16.27
C LEU C 8 19.42 5.93 -17.61
N CYS C 9 18.83 7.07 -17.85
CA CYS C 9 18.08 7.31 -19.07
C CYS C 9 18.94 7.14 -20.31
N ALA C 10 20.19 7.60 -20.25
CA ALA C 10 21.10 7.50 -21.39
C ALA C 10 21.46 6.07 -21.82
N GLU C 11 21.19 5.08 -20.97
CA GLU C 11 21.50 3.70 -21.32
C GLU C 11 20.51 3.10 -22.31
N TYR C 12 19.46 3.83 -22.62
CA TYR C 12 18.44 3.32 -23.54
C TYR C 12 18.23 4.16 -24.78
N HIS C 13 17.67 3.53 -25.80
CA HIS C 13 17.36 4.19 -27.08
C HIS C 13 15.99 4.86 -26.96
N ASN C 14 15.79 5.89 -27.78
CA ASN C 14 14.52 6.63 -27.83
C ASN C 14 14.05 7.17 -26.51
N THR C 15 14.95 7.75 -25.73
CA THR C 15 14.56 8.33 -24.45
C THR C 15 15.08 9.75 -24.34
N GLN C 16 14.57 10.45 -23.34
CA GLN C 16 14.97 11.82 -23.07
C GLN C 16 14.47 12.21 -21.70
N ILE C 17 15.19 13.12 -21.08
CA ILE C 17 14.85 13.62 -19.77
C ILE C 17 14.05 14.91 -19.92
N HIS C 18 12.99 15.03 -19.14
CA HIS C 18 12.22 16.25 -19.11
C HIS C 18 12.48 16.76 -17.70
N THR C 19 12.89 18.01 -17.57
CA THR C 19 13.15 18.56 -16.25
C THR C 19 11.93 19.40 -15.85
N LEU C 20 11.10 18.87 -14.96
CA LEU C 20 9.90 19.54 -14.53
C LEU C 20 10.04 20.44 -13.30
N ASN C 21 10.66 19.92 -12.25
CA ASN C 21 10.80 20.66 -11.01
C ASN C 21 9.48 21.26 -10.62
N ASP C 22 8.44 20.44 -10.61
CA ASP C 22 7.10 20.91 -10.27
C ASP C 22 6.24 19.75 -9.79
N LYS C 23 5.18 20.10 -9.06
CA LYS C 23 4.26 19.09 -8.56
C LYS C 23 3.35 18.74 -9.73
N ILE C 24 2.71 17.60 -9.64
CA ILE C 24 1.83 17.15 -10.70
C ILE C 24 0.53 17.91 -10.71
N PHE C 25 0.09 18.29 -11.90
CA PHE C 25 -1.16 19.02 -12.03
C PHE C 25 -2.39 18.11 -12.03
N SER C 26 -2.32 17.01 -12.77
CA SER C 26 -3.43 16.09 -12.80
C SER C 26 -2.98 14.65 -12.90
N TYR C 27 -3.81 13.77 -12.35
CA TYR C 27 -3.51 12.36 -12.37
C TYR C 27 -4.78 11.67 -12.85
N THR C 28 -4.61 10.78 -13.82
CA THR C 28 -5.72 10.08 -14.39
C THR C 28 -5.38 8.61 -14.40
N GLU C 29 -6.39 7.80 -14.16
CA GLU C 29 -6.19 6.36 -14.11
C GLU C 29 -7.36 5.66 -14.79
N SER C 30 -7.05 4.61 -15.54
CA SER C 30 -8.05 3.87 -16.28
C SER C 30 -8.02 2.35 -16.14
N LEU C 31 -9.19 1.75 -15.94
CA LEU C 31 -9.30 0.30 -15.81
C LEU C 31 -9.97 -0.27 -17.07
N ALA C 32 -10.18 0.57 -18.08
CA ALA C 32 -10.82 0.18 -19.35
C ALA C 32 -9.93 -0.71 -20.18
N GLY C 33 -10.57 -1.74 -20.75
CA GLY C 33 -9.90 -2.73 -21.56
C GLY C 33 -8.94 -2.24 -22.59
N LYS C 34 -7.69 -2.69 -22.48
CA LYS C 34 -6.61 -2.30 -23.39
C LYS C 34 -6.21 -0.83 -23.23
N ARG C 35 -6.63 -0.22 -22.13
CA ARG C 35 -6.31 1.16 -21.82
C ARG C 35 -6.07 1.30 -20.33
N GLU C 36 -5.51 0.25 -19.74
CA GLU C 36 -5.21 0.23 -18.33
C GLU C 36 -3.89 0.98 -18.13
N MET C 37 -3.97 2.29 -18.26
CA MET C 37 -2.80 3.15 -18.16
C MET C 37 -3.11 4.25 -17.16
N ALA C 38 -2.13 5.14 -17.02
CA ALA C 38 -2.28 6.29 -16.14
C ALA C 38 -1.72 7.45 -16.94
N ILE C 39 -2.27 8.64 -16.71
CA ILE C 39 -1.85 9.84 -17.39
C ILE C 39 -1.66 10.98 -16.37
N ILE C 40 -0.57 11.71 -16.52
CA ILE C 40 -0.33 12.84 -15.62
C ILE C 40 0.01 14.05 -16.46
N THR C 41 -0.24 15.22 -15.90
CA THR C 41 0.06 16.44 -16.62
C THR C 41 0.62 17.46 -15.63
N PHE C 42 1.36 18.42 -16.16
CA PHE C 42 1.94 19.48 -15.36
C PHE C 42 1.32 20.76 -15.88
N LYS C 43 1.25 21.77 -15.02
CA LYS C 43 0.65 23.05 -15.38
C LYS C 43 1.14 23.67 -16.71
N ASN C 44 2.39 23.40 -17.08
CA ASN C 44 2.94 23.92 -18.34
C ASN C 44 2.38 23.16 -19.56
N GLY C 45 1.50 22.20 -19.31
CA GLY C 45 0.87 21.43 -20.37
C GLY C 45 1.46 20.08 -20.73
N ALA C 46 2.66 19.78 -20.26
CA ALA C 46 3.30 18.51 -20.56
C ALA C 46 2.45 17.34 -20.10
N THR C 47 2.34 16.34 -20.95
CA THR C 47 1.56 15.15 -20.63
C THR C 47 2.38 13.88 -20.79
N PHE C 48 2.31 13.02 -19.79
CA PHE C 48 3.06 11.77 -19.82
C PHE C 48 2.17 10.62 -19.41
N GLN C 49 2.49 9.44 -19.93
CA GLN C 49 1.72 8.26 -19.61
C GLN C 49 2.60 7.17 -19.02
N VAL C 50 1.94 6.23 -18.33
CA VAL C 50 2.59 5.01 -17.87
C VAL C 50 1.85 4.03 -18.81
N GLU C 51 2.57 3.52 -19.81
CA GLU C 51 1.97 2.58 -20.75
C GLU C 51 1.22 1.38 -20.16
N VAL C 52 0.25 0.89 -20.90
CA VAL C 52 -0.50 -0.29 -20.51
C VAL C 52 0.57 -1.37 -20.49
N PRO C 53 0.57 -2.23 -19.48
CA PRO C 53 1.58 -3.30 -19.43
C PRO C 53 1.44 -4.15 -20.68
N GLY C 54 2.51 -4.34 -21.45
CA GLY C 54 2.36 -5.14 -22.66
C GLY C 54 3.53 -6.00 -23.07
N SER C 55 3.48 -6.48 -24.30
CA SER C 55 4.52 -7.32 -24.89
C SER C 55 5.86 -6.58 -24.93
N GLN C 56 5.84 -5.26 -24.89
CA GLN C 56 7.09 -4.51 -24.93
C GLN C 56 7.77 -4.47 -23.58
N HIS C 57 7.13 -5.06 -22.58
CA HIS C 57 7.72 -5.06 -21.24
C HIS C 57 8.16 -6.44 -20.81
N ILE C 58 9.42 -6.56 -20.35
CA ILE C 58 9.87 -7.85 -19.84
C ILE C 58 9.20 -8.06 -18.47
N ASP C 59 9.15 -9.31 -18.04
CA ASP C 59 8.48 -9.63 -16.80
C ASP C 59 8.90 -8.78 -15.63
N SER C 60 10.20 -8.59 -15.52
CA SER C 60 10.75 -7.84 -14.43
C SER C 60 10.18 -6.43 -14.43
N GLN C 61 9.71 -5.97 -15.57
CA GLN C 61 9.19 -4.62 -15.63
C GLN C 61 7.76 -4.53 -15.12
N LYS C 62 7.05 -5.65 -15.12
CA LYS C 62 5.64 -5.64 -14.70
C LYS C 62 5.37 -5.05 -13.32
N LYS C 63 6.08 -5.52 -12.32
CA LYS C 63 5.87 -5.01 -10.98
C LYS C 63 6.22 -3.55 -10.92
N ALA C 64 7.29 -3.18 -11.63
CA ALA C 64 7.77 -1.81 -11.64
C ALA C 64 6.76 -0.84 -12.22
N ILE C 65 6.00 -1.28 -13.20
CA ILE C 65 5.00 -0.42 -13.81
C ILE C 65 3.94 -0.11 -12.81
N GLU C 66 3.54 -1.13 -12.05
CA GLU C 66 2.53 -0.96 -11.05
C GLU C 66 3.07 -0.07 -9.97
N ARG C 67 4.33 -0.24 -9.67
CA ARG C 67 4.93 0.60 -8.66
C ARG C 67 4.92 2.05 -9.11
N MET C 68 5.26 2.27 -10.36
CA MET C 68 5.33 3.63 -10.85
C MET C 68 3.99 4.38 -10.73
N LYS C 69 2.90 3.67 -10.97
CA LYS C 69 1.58 4.26 -10.85
C LYS C 69 1.28 4.64 -9.40
N ASP C 70 1.69 3.79 -8.46
CA ASP C 70 1.47 4.07 -7.05
C ASP C 70 2.22 5.34 -6.70
N THR C 71 3.45 5.43 -7.16
CA THR C 71 4.27 6.58 -6.89
C THR C 71 3.63 7.86 -7.40
N LEU C 72 3.23 7.87 -8.66
CA LEU C 72 2.63 9.06 -9.24
C LEU C 72 1.36 9.48 -8.50
N ARG C 73 0.55 8.51 -8.09
CA ARG C 73 -0.66 8.82 -7.37
C ARG C 73 -0.34 9.48 -6.01
N ILE C 74 0.58 8.89 -5.25
CA ILE C 74 0.89 9.47 -3.95
C ILE C 74 1.66 10.79 -4.12
N ALA C 75 2.45 10.89 -5.17
CA ALA C 75 3.18 12.12 -5.43
C ALA C 75 2.18 13.21 -5.75
N TYR C 76 1.19 12.86 -6.56
CA TYR C 76 0.17 13.83 -6.89
C TYR C 76 -0.47 14.34 -5.61
N LEU C 77 -0.97 13.39 -4.82
CA LEU C 77 -1.65 13.71 -3.58
C LEU C 77 -0.85 14.55 -2.59
N THR C 78 0.46 14.30 -2.51
CA THR C 78 1.29 15.05 -1.56
C THR C 78 1.91 16.31 -2.15
N GLU C 79 1.58 16.61 -3.39
CA GLU C 79 2.14 17.79 -4.06
C GLU C 79 3.65 17.71 -4.10
N ALA C 80 4.17 16.49 -4.05
CA ALA C 80 5.59 16.28 -4.12
C ALA C 80 6.15 16.86 -5.42
N LYS C 81 7.26 17.55 -5.34
CA LYS C 81 7.89 18.17 -6.51
C LYS C 81 8.60 17.12 -7.39
N VAL C 82 8.22 17.00 -8.66
CA VAL C 82 8.87 16.03 -9.56
C VAL C 82 10.05 16.74 -10.19
N GLU C 83 11.26 16.24 -9.98
CA GLU C 83 12.42 16.90 -10.57
C GLU C 83 12.49 16.61 -12.07
N LYS C 84 12.76 15.36 -12.41
CA LYS C 84 12.89 14.94 -13.79
C LYS C 84 12.15 13.65 -14.07
N LEU C 85 11.84 13.44 -15.35
CA LEU C 85 11.20 12.22 -15.79
C LEU C 85 12.03 11.71 -16.96
N CYS C 86 12.34 10.42 -16.96
CA CYS C 86 13.05 9.83 -18.08
C CYS C 86 11.92 9.15 -18.86
N VAL C 87 11.76 9.51 -20.12
CA VAL C 87 10.66 8.98 -20.91
C VAL C 87 11.06 8.42 -22.25
N TRP C 88 10.25 7.54 -22.80
CA TRP C 88 10.49 7.02 -24.14
C TRP C 88 9.77 7.99 -25.08
N ASN C 89 10.51 8.55 -26.03
CA ASN C 89 9.97 9.51 -26.96
C ASN C 89 9.32 8.93 -28.22
N ASN C 90 9.47 7.63 -28.43
CA ASN C 90 8.84 6.99 -29.58
C ASN C 90 7.39 6.64 -29.23
N LYS C 91 6.78 7.40 -28.33
CA LYS C 91 5.41 7.15 -27.95
C LYS C 91 4.75 8.49 -27.67
N THR C 92 3.44 8.51 -27.87
CA THR C 92 2.65 9.72 -27.66
C THR C 92 1.38 9.38 -26.85
N PRO C 93 1.25 9.90 -25.62
CA PRO C 93 2.19 10.78 -24.93
C PRO C 93 3.51 10.03 -24.66
N HIS C 94 4.55 10.75 -24.30
CA HIS C 94 5.81 10.10 -23.97
C HIS C 94 5.57 9.19 -22.76
N ALA C 95 6.14 8.00 -22.80
CA ALA C 95 5.97 7.02 -21.74
C ALA C 95 7.08 7.10 -20.69
N ILE C 96 6.67 7.17 -19.43
CA ILE C 96 7.60 7.25 -18.34
C ILE C 96 8.45 5.99 -18.14
N ALA C 97 9.75 6.21 -18.08
CA ALA C 97 10.71 5.15 -17.86
C ALA C 97 11.18 5.23 -16.41
N ALA C 98 11.35 6.45 -15.92
CA ALA C 98 11.80 6.65 -14.55
C ALA C 98 11.39 8.01 -14.10
N ILE C 99 11.47 8.20 -12.79
CA ILE C 99 11.13 9.47 -12.16
C ILE C 99 12.07 9.77 -11.02
N SER C 100 12.42 11.05 -10.85
CA SER C 100 13.28 11.50 -9.74
C SER C 100 12.50 12.65 -9.07
N MET C 101 12.47 12.66 -7.74
CA MET C 101 11.77 13.69 -6.96
C MET C 101 12.76 14.32 -5.99
N ALA C 102 12.77 15.64 -5.94
CA ALA C 102 13.66 16.37 -5.07
C ALA C 102 13.17 17.80 -4.90
N ASN C 103 13.69 18.46 -3.87
CA ASN C 103 13.39 19.84 -3.50
C ASN C 103 11.91 20.12 -3.24
N THR D 1 19.71 -13.68 17.12
CA THR D 1 19.12 -12.65 16.29
C THR D 1 19.53 -11.23 16.68
N PRO D 2 20.07 -10.48 15.70
CA PRO D 2 20.50 -9.09 15.96
C PRO D 2 19.37 -8.21 16.50
N GLN D 3 19.70 -7.35 17.44
CA GLN D 3 18.75 -6.45 18.06
C GLN D 3 18.78 -5.07 17.46
N ASN D 4 19.78 -4.79 16.64
CA ASN D 4 19.90 -3.48 15.98
C ASN D 4 20.56 -3.63 14.61
N ILE D 5 20.44 -2.58 13.81
CA ILE D 5 20.98 -2.59 12.45
C ILE D 5 22.49 -2.81 12.37
N THR D 6 23.24 -2.30 13.34
CA THR D 6 24.69 -2.45 13.35
C THR D 6 25.07 -3.93 13.52
N ASP D 7 24.47 -4.57 14.52
CA ASP D 7 24.76 -5.96 14.76
C ASP D 7 24.30 -6.78 13.59
N LEU D 8 23.20 -6.37 12.96
CA LEU D 8 22.73 -7.15 11.83
C LEU D 8 23.72 -7.06 10.67
N CYS D 9 24.17 -5.84 10.40
CA CYS D 9 25.08 -5.55 9.31
C CYS D 9 26.37 -6.36 9.39
N ALA D 10 26.95 -6.38 10.58
CA ALA D 10 28.18 -7.11 10.81
C ALA D 10 28.04 -8.61 10.56
N GLU D 11 26.82 -9.13 10.42
CA GLU D 11 26.67 -10.56 10.19
C GLU D 11 27.00 -10.96 8.75
N TYR D 12 27.32 -9.98 7.91
CA TYR D 12 27.61 -10.26 6.50
C TYR D 12 28.95 -9.73 6.09
N HIS D 13 29.51 -10.25 5.01
CA HIS D 13 30.77 -9.75 4.51
C HIS D 13 30.47 -8.55 3.59
N ASN D 14 31.50 -7.77 3.30
CA ASN D 14 31.42 -6.58 2.42
C ASN D 14 30.31 -5.58 2.76
N THR D 15 30.05 -5.38 4.05
CA THR D 15 29.05 -4.41 4.47
C THR D 15 29.67 -3.33 5.34
N GLN D 16 28.88 -2.31 5.62
CA GLN D 16 29.31 -1.21 6.47
C GLN D 16 28.11 -0.33 6.70
N ILE D 17 28.08 0.29 7.86
CA ILE D 17 27.03 1.17 8.24
C ILE D 17 27.36 2.60 7.79
N HIS D 18 26.35 3.32 7.33
CA HIS D 18 26.52 4.73 6.99
C HIS D 18 25.52 5.44 7.95
N THR D 19 26.00 6.35 8.77
CA THR D 19 25.11 7.08 9.67
C THR D 19 24.71 8.37 8.99
N LEU D 20 23.41 8.58 8.81
CA LEU D 20 22.96 9.79 8.15
C LEU D 20 22.24 10.77 9.07
N ASN D 21 21.35 10.25 9.91
CA ASN D 21 20.55 11.09 10.80
C ASN D 21 20.04 12.28 10.03
N ASP D 22 19.34 11.99 8.93
CA ASP D 22 18.81 13.03 8.08
C ASP D 22 17.74 12.47 7.17
N LYS D 23 16.93 13.35 6.59
CA LYS D 23 15.88 12.92 5.66
C LYS D 23 16.51 12.63 4.30
N ILE D 24 15.80 11.88 3.48
CA ILE D 24 16.29 11.56 2.16
C ILE D 24 16.19 12.83 1.33
N PHE D 25 17.25 13.16 0.63
CA PHE D 25 17.23 14.36 -0.18
C PHE D 25 16.54 14.12 -1.52
N SER D 26 16.80 13.00 -2.17
CA SER D 26 16.14 12.73 -3.43
C SER D 26 15.78 11.25 -3.56
N TYR D 27 14.70 11.00 -4.28
CA TYR D 27 14.22 9.66 -4.49
C TYR D 27 14.02 9.41 -5.99
N THR D 28 14.56 8.31 -6.48
CA THR D 28 14.45 7.98 -7.90
C THR D 28 14.07 6.52 -8.08
N GLU D 29 13.11 6.24 -8.96
CA GLU D 29 12.77 4.86 -9.26
C GLU D 29 12.61 4.68 -10.76
N SER D 30 12.92 3.49 -11.23
CA SER D 30 12.90 3.20 -12.65
C SER D 30 12.14 1.94 -12.93
N LEU D 31 11.43 1.94 -14.06
CA LEU D 31 10.70 0.74 -14.50
C LEU D 31 11.36 0.16 -15.78
N ALA D 32 12.41 0.82 -16.25
CA ALA D 32 13.14 0.39 -17.45
C ALA D 32 13.74 -1.00 -17.33
N GLY D 33 13.54 -1.80 -18.38
CA GLY D 33 14.06 -3.16 -18.42
C GLY D 33 15.47 -3.31 -17.92
N LYS D 34 15.62 -4.21 -16.97
CA LYS D 34 16.90 -4.50 -16.34
C LYS D 34 17.42 -3.36 -15.46
N ARG D 35 16.60 -2.33 -15.27
CA ARG D 35 16.98 -1.22 -14.38
C ARG D 35 15.82 -0.90 -13.44
N GLU D 36 15.09 -1.94 -13.04
CA GLU D 36 13.96 -1.78 -12.13
C GLU D 36 14.57 -1.62 -10.74
N MET D 37 14.90 -0.38 -10.40
CA MET D 37 15.57 -0.06 -9.16
C MET D 37 15.18 1.31 -8.62
N ALA D 38 15.70 1.60 -7.43
CA ALA D 38 15.46 2.87 -6.78
C ALA D 38 16.81 3.39 -6.34
N ILE D 39 16.98 4.70 -6.39
CA ILE D 39 18.21 5.39 -5.98
C ILE D 39 17.81 6.54 -5.09
N ILE D 40 18.49 6.71 -3.98
CA ILE D 40 18.21 7.83 -3.12
C ILE D 40 19.51 8.52 -2.87
N THR D 41 19.46 9.78 -2.48
CA THR D 41 20.67 10.53 -2.16
C THR D 41 20.34 11.34 -0.94
N PHE D 42 21.39 11.82 -0.28
CA PHE D 42 21.25 12.68 0.87
C PHE D 42 21.95 14.00 0.57
N LYS D 43 21.60 15.02 1.34
CA LYS D 43 22.13 16.37 1.21
C LYS D 43 23.66 16.37 1.13
N ASN D 44 24.29 15.43 1.83
CA ASN D 44 25.76 15.33 1.84
C ASN D 44 26.34 14.68 0.59
N GLY D 45 25.46 14.30 -0.34
CA GLY D 45 25.88 13.67 -1.58
C GLY D 45 25.90 12.15 -1.57
N ALA D 46 25.77 11.54 -0.40
CA ALA D 46 25.75 10.07 -0.34
C ALA D 46 24.61 9.50 -1.21
N THR D 47 24.95 8.54 -2.07
CA THR D 47 24.02 7.90 -3.00
C THR D 47 23.92 6.43 -2.72
N PHE D 48 22.71 5.91 -2.69
CA PHE D 48 22.53 4.49 -2.41
C PHE D 48 21.46 3.95 -3.34
N GLN D 49 21.50 2.64 -3.56
CA GLN D 49 20.55 2.01 -4.43
C GLN D 49 19.89 0.80 -3.79
N VAL D 50 18.75 0.42 -4.36
CA VAL D 50 18.09 -0.80 -3.99
C VAL D 50 18.32 -1.57 -5.28
N GLU D 51 19.19 -2.57 -5.21
CA GLU D 51 19.54 -3.35 -6.37
C GLU D 51 18.38 -3.96 -7.12
N VAL D 52 18.60 -4.13 -8.42
CA VAL D 52 17.61 -4.77 -9.25
C VAL D 52 17.67 -6.22 -8.76
N PRO D 53 16.52 -6.86 -8.59
CA PRO D 53 16.55 -8.26 -8.12
C PRO D 53 17.39 -9.10 -9.07
N GLY D 54 18.23 -9.97 -8.53
CA GLY D 54 19.10 -10.76 -9.38
C GLY D 54 19.48 -12.09 -8.79
N SER D 55 20.41 -12.76 -9.46
CA SER D 55 20.89 -14.07 -9.03
C SER D 55 21.69 -14.05 -7.74
N GLN D 56 22.14 -12.87 -7.32
CA GLN D 56 22.89 -12.72 -6.07
C GLN D 56 21.92 -12.84 -4.90
N HIS D 57 20.64 -12.69 -5.22
CA HIS D 57 19.58 -12.74 -4.22
C HIS D 57 18.96 -14.13 -4.14
N ILE D 58 18.40 -14.47 -2.99
CA ILE D 58 17.71 -15.75 -2.79
C ILE D 58 16.22 -15.40 -2.77
N ASP D 59 15.38 -16.35 -3.16
CA ASP D 59 13.95 -16.09 -3.22
C ASP D 59 13.32 -15.33 -2.06
N SER D 60 13.71 -15.66 -0.83
CA SER D 60 13.15 -15.01 0.33
C SER D 60 13.44 -13.50 0.31
N GLN D 61 14.38 -13.08 -0.52
CA GLN D 61 14.73 -11.66 -0.60
C GLN D 61 13.87 -10.84 -1.56
N LYS D 62 13.23 -11.50 -2.51
CA LYS D 62 12.38 -10.82 -3.49
C LYS D 62 11.36 -9.84 -2.89
N LYS D 63 10.52 -10.34 -1.99
CA LYS D 63 9.50 -9.52 -1.32
C LYS D 63 10.15 -8.40 -0.50
N ALA D 64 11.30 -8.71 0.11
CA ALA D 64 12.00 -7.75 0.94
C ALA D 64 12.53 -6.60 0.09
N ILE D 65 12.91 -6.91 -1.13
CA ILE D 65 13.39 -5.90 -2.04
C ILE D 65 12.22 -4.94 -2.30
N GLU D 66 11.02 -5.49 -2.48
CA GLU D 66 9.87 -4.63 -2.77
C GLU D 66 9.46 -3.81 -1.59
N ARG D 67 9.59 -4.40 -0.41
CA ARG D 67 9.24 -3.72 0.82
C ARG D 67 10.18 -2.55 1.07
N MET D 68 11.46 -2.74 0.81
CA MET D 68 12.46 -1.66 1.02
C MET D 68 12.19 -0.45 0.12
N LYS D 69 11.76 -0.70 -1.10
CA LYS D 69 11.43 0.39 -2.01
C LYS D 69 10.18 1.16 -1.51
N ASP D 70 9.19 0.42 -1.01
CA ASP D 70 8.00 1.02 -0.43
C ASP D 70 8.47 1.91 0.72
N THR D 71 9.35 1.37 1.55
CA THR D 71 9.86 2.09 2.71
C THR D 71 10.56 3.41 2.36
N LEU D 72 11.42 3.36 1.37
CA LEU D 72 12.17 4.55 0.96
C LEU D 72 11.31 5.66 0.37
N ARG D 73 10.32 5.27 -0.42
CA ARG D 73 9.40 6.21 -1.03
C ARG D 73 8.62 6.98 0.02
N ILE D 74 8.04 6.26 0.98
CA ILE D 74 7.24 6.92 2.00
C ILE D 74 8.13 7.72 2.95
N ALA D 75 9.27 7.14 3.29
CA ALA D 75 10.21 7.82 4.17
C ALA D 75 10.53 9.14 3.50
N TYR D 76 10.84 9.07 2.22
CA TYR D 76 11.16 10.27 1.46
C TYR D 76 10.01 11.29 1.50
N LEU D 77 8.84 10.84 1.06
CA LEU D 77 7.70 11.72 1.01
C LEU D 77 7.29 12.28 2.38
N THR D 78 7.55 11.56 3.45
CA THR D 78 7.19 12.10 4.77
C THR D 78 8.39 12.76 5.44
N GLU D 79 9.52 12.77 4.75
CA GLU D 79 10.74 13.36 5.29
C GLU D 79 11.15 12.71 6.57
N ALA D 80 10.84 11.43 6.70
CA ALA D 80 11.23 10.67 7.88
C ALA D 80 12.75 10.70 8.00
N LYS D 81 13.24 10.86 9.22
CA LYS D 81 14.66 10.87 9.44
C LYS D 81 15.20 9.47 9.35
N VAL D 82 16.22 9.30 8.53
CA VAL D 82 16.83 8.00 8.40
C VAL D 82 18.04 8.04 9.32
N GLU D 83 18.11 7.09 10.24
CA GLU D 83 19.23 7.02 11.16
C GLU D 83 20.47 6.44 10.46
N LYS D 84 20.39 5.14 10.16
CA LYS D 84 21.51 4.46 9.49
C LYS D 84 21.03 3.56 8.37
N LEU D 85 21.99 3.18 7.54
CA LEU D 85 21.79 2.26 6.44
C LEU D 85 22.94 1.27 6.48
N CYS D 86 22.60 0.01 6.38
CA CYS D 86 23.60 -1.00 6.31
C CYS D 86 23.62 -1.23 4.84
N VAL D 87 24.78 -1.16 4.23
CA VAL D 87 24.86 -1.35 2.80
C VAL D 87 25.93 -2.35 2.41
N TRP D 88 25.89 -2.85 1.18
CA TRP D 88 26.96 -3.73 0.70
C TRP D 88 27.86 -2.72 -0.03
N ASN D 89 29.13 -2.65 0.37
CA ASN D 89 30.10 -1.71 -0.22
C ASN D 89 30.86 -2.23 -1.43
N ASN D 90 30.42 -3.36 -1.98
CA ASN D 90 31.06 -3.92 -3.17
C ASN D 90 30.20 -3.68 -4.41
N LYS D 91 29.33 -2.68 -4.30
CA LYS D 91 28.48 -2.25 -5.40
C LYS D 91 28.49 -0.70 -5.40
N THR D 92 28.30 -0.11 -6.58
CA THR D 92 28.23 1.35 -6.72
C THR D 92 26.94 1.67 -7.50
N PRO D 93 26.02 2.42 -6.90
CA PRO D 93 26.09 2.97 -5.56
C PRO D 93 26.05 1.84 -4.55
N HIS D 94 26.35 2.15 -3.31
CA HIS D 94 26.29 1.13 -2.27
C HIS D 94 24.86 0.61 -2.22
N ALA D 95 24.74 -0.71 -2.16
CA ALA D 95 23.45 -1.41 -2.16
C ALA D 95 22.92 -1.56 -0.76
N ILE D 96 21.73 -1.03 -0.54
CA ILE D 96 21.11 -1.11 0.78
C ILE D 96 20.68 -2.53 1.19
N ALA D 97 21.07 -2.89 2.41
CA ALA D 97 20.73 -4.19 2.99
C ALA D 97 19.69 -3.95 4.09
N ALA D 98 19.78 -2.81 4.78
CA ALA D 98 18.86 -2.51 5.85
C ALA D 98 18.79 -1.02 6.14
N ILE D 99 17.73 -0.61 6.81
CA ILE D 99 17.55 0.77 7.14
C ILE D 99 16.96 0.88 8.55
N SER D 100 17.40 1.90 9.28
CA SER D 100 16.90 2.16 10.62
C SER D 100 16.42 3.62 10.61
N MET D 101 15.26 3.86 11.19
CA MET D 101 14.71 5.20 11.27
C MET D 101 14.36 5.46 12.70
N ALA D 102 14.80 6.62 13.19
CA ALA D 102 14.54 7.06 14.55
C ALA D 102 14.42 8.59 14.48
N ASN D 103 13.55 9.15 15.31
CA ASN D 103 13.28 10.59 15.34
C ASN D 103 14.50 11.48 15.48
N THR E 1 -13.19 -18.12 19.16
CA THR E 1 -12.58 -16.90 18.57
C THR E 1 -12.52 -15.77 19.58
N PRO E 2 -11.29 -15.37 19.97
CA PRO E 2 -11.04 -14.29 20.94
C PRO E 2 -11.60 -12.96 20.49
N GLN E 3 -11.81 -12.07 21.45
CA GLN E 3 -12.36 -10.75 21.18
C GLN E 3 -11.41 -9.63 21.55
N ASN E 4 -10.19 -9.99 21.92
CA ASN E 4 -9.16 -9.01 22.30
C ASN E 4 -7.82 -9.70 22.29
N ILE E 5 -6.78 -8.89 22.28
CA ILE E 5 -5.39 -9.36 22.21
C ILE E 5 -4.97 -10.22 23.38
N THR E 6 -5.50 -9.91 24.55
CA THR E 6 -5.17 -10.68 25.74
C THR E 6 -5.65 -12.12 25.62
N ASP E 7 -6.92 -12.28 25.30
CA ASP E 7 -7.51 -13.60 25.16
C ASP E 7 -6.82 -14.35 24.05
N LEU E 8 -6.51 -13.65 22.95
CA LEU E 8 -5.85 -14.29 21.83
C LEU E 8 -4.48 -14.75 22.28
N CYS E 9 -3.76 -13.89 22.94
CA CYS E 9 -2.44 -14.22 23.45
C CYS E 9 -2.49 -15.46 24.36
N ALA E 10 -3.55 -15.53 25.14
CA ALA E 10 -3.70 -16.63 26.09
C ALA E 10 -3.94 -17.91 25.38
N GLU E 11 -4.16 -17.88 24.07
CA GLU E 11 -4.40 -19.12 23.36
C GLU E 11 -3.14 -19.84 22.97
N TYR E 12 -1.98 -19.24 23.23
CA TYR E 12 -0.74 -19.88 22.85
C TYR E 12 0.24 -20.12 24.00
N HIS E 13 1.13 -21.08 23.82
CA HIS E 13 2.14 -21.33 24.86
C HIS E 13 3.31 -20.40 24.58
N ASN E 14 4.13 -20.17 25.59
CA ASN E 14 5.32 -19.32 25.46
C ASN E 14 5.04 -17.86 25.07
N THR E 15 3.82 -17.39 25.30
CA THR E 15 3.47 -16.02 24.97
C THR E 15 3.22 -15.16 26.19
N GLN E 16 3.16 -13.84 25.98
CA GLN E 16 2.87 -12.89 27.04
C GLN E 16 2.48 -11.58 26.40
N ILE E 17 1.83 -10.71 27.18
CA ILE E 17 1.42 -9.41 26.70
C ILE E 17 2.40 -8.39 27.24
N HIS E 18 2.72 -7.41 26.41
CA HIS E 18 3.58 -6.31 26.84
C HIS E 18 2.69 -5.10 26.62
N THR E 19 2.38 -4.40 27.70
CA THR E 19 1.57 -3.21 27.69
C THR E 19 2.52 -2.01 27.51
N LEU E 20 2.40 -1.35 26.38
CA LEU E 20 3.27 -0.24 26.07
C LEU E 20 2.62 1.12 26.14
N ASN E 21 1.44 1.25 25.55
CA ASN E 21 0.75 2.53 25.52
C ASN E 21 1.71 3.65 25.13
N ASP E 22 2.47 3.39 24.08
CA ASP E 22 3.43 4.37 23.64
C ASP E 22 3.72 4.10 22.17
N LYS E 23 4.11 5.16 21.48
CA LYS E 23 4.42 5.10 20.07
C LYS E 23 5.78 4.42 19.93
N ILE E 24 6.07 3.91 18.73
CA ILE E 24 7.33 3.25 18.45
C ILE E 24 8.45 4.27 18.34
N PHE E 25 9.61 3.94 18.91
CA PHE E 25 10.74 4.84 18.89
C PHE E 25 11.65 4.67 17.67
N SER E 26 11.82 3.44 17.21
CA SER E 26 12.68 3.19 16.06
C SER E 26 12.15 2.01 15.28
N TYR E 27 12.40 2.03 13.97
CA TYR E 27 11.99 0.96 13.07
C TYR E 27 13.16 0.64 12.16
N THR E 28 13.47 -0.64 12.07
CA THR E 28 14.57 -1.12 11.26
C THR E 28 14.08 -2.28 10.44
N GLU E 29 14.41 -2.28 9.17
CA GLU E 29 14.01 -3.39 8.31
C GLU E 29 15.21 -3.80 7.49
N SER E 30 15.30 -5.09 7.25
CA SER E 30 16.41 -5.67 6.51
C SER E 30 15.97 -6.58 5.39
N LEU E 31 16.61 -6.43 4.25
CA LEU E 31 16.31 -7.29 3.13
C LEU E 31 17.43 -8.32 3.00
N ALA E 32 18.41 -8.25 3.91
CA ALA E 32 19.54 -9.17 3.88
C ALA E 32 19.06 -10.62 4.02
N GLY E 33 19.68 -11.48 3.23
CA GLY E 33 19.33 -12.90 3.23
C GLY E 33 19.29 -13.61 4.58
N LYS E 34 18.19 -14.31 4.81
CA LYS E 34 17.97 -15.04 6.05
C LYS E 34 17.74 -14.06 7.22
N ARG E 35 17.63 -12.77 6.89
CA ARG E 35 17.40 -11.74 7.89
C ARG E 35 16.40 -10.74 7.34
N GLU E 36 15.46 -11.27 6.57
CA GLU E 36 14.39 -10.44 6.01
C GLU E 36 13.48 -10.21 7.23
N MET E 37 13.59 -9.05 7.86
CA MET E 37 12.79 -8.81 9.04
C MET E 37 12.65 -7.34 9.40
N ALA E 38 11.87 -7.11 10.45
CA ALA E 38 11.62 -5.78 10.96
C ALA E 38 11.90 -5.83 12.44
N ILE E 39 12.40 -4.71 12.97
CA ILE E 39 12.77 -4.59 14.37
C ILE E 39 12.35 -3.21 14.82
N ILE E 40 11.67 -3.16 15.95
CA ILE E 40 11.23 -1.89 16.52
C ILE E 40 11.68 -1.82 17.98
N THR E 41 11.82 -0.60 18.49
CA THR E 41 12.19 -0.42 19.89
C THR E 41 11.28 0.66 20.47
N PHE E 42 11.20 0.72 21.79
CA PHE E 42 10.42 1.74 22.46
C PHE E 42 11.40 2.58 23.27
N LYS E 43 11.12 3.87 23.37
CA LYS E 43 11.95 4.83 24.11
C LYS E 43 12.40 4.29 25.45
N ASN E 44 13.70 4.15 25.65
CA ASN E 44 14.23 3.66 26.91
C ASN E 44 13.60 2.33 27.31
N GLY E 45 13.15 1.57 26.32
CA GLY E 45 12.48 0.31 26.56
C GLY E 45 12.96 -0.88 25.76
N ALA E 46 12.07 -1.85 25.56
CA ALA E 46 12.41 -3.06 24.86
C ALA E 46 12.49 -2.98 23.35
N THR E 47 13.08 -4.03 22.77
CA THR E 47 13.24 -4.19 21.33
C THR E 47 12.35 -5.39 20.98
N PHE E 48 11.66 -5.32 19.86
CA PHE E 48 10.82 -6.44 19.41
C PHE E 48 11.08 -6.73 17.93
N GLN E 49 10.82 -7.96 17.53
CA GLN E 49 11.01 -8.36 16.14
C GLN E 49 9.81 -9.03 15.52
N VAL E 50 9.77 -9.05 14.20
CA VAL E 50 8.75 -9.82 13.51
C VAL E 50 9.70 -10.84 12.90
N GLU E 51 9.59 -12.08 13.37
CA GLU E 51 10.43 -13.18 12.90
C GLU E 51 10.48 -13.43 11.41
N VAL E 52 11.64 -13.90 10.96
CA VAL E 52 11.87 -14.26 9.58
C VAL E 52 10.99 -15.49 9.33
N PRO E 53 10.29 -15.55 8.18
CA PRO E 53 9.43 -16.70 7.90
C PRO E 53 10.27 -17.98 7.96
N GLY E 54 10.14 -18.72 9.04
CA GLY E 54 10.90 -19.95 9.17
C GLY E 54 9.98 -21.15 9.10
N SER E 55 10.56 -22.32 9.30
CA SER E 55 9.80 -23.56 9.27
C SER E 55 8.73 -23.58 10.35
N GLN E 56 8.98 -22.83 11.43
CA GLN E 56 8.05 -22.72 12.54
C GLN E 56 6.71 -22.16 12.11
N HIS E 57 6.70 -21.48 10.97
CA HIS E 57 5.49 -20.85 10.45
C HIS E 57 4.70 -21.72 9.46
N ILE E 58 3.37 -21.70 9.64
CA ILE E 58 2.45 -22.41 8.76
C ILE E 58 2.17 -21.48 7.57
N ASP E 59 1.86 -22.03 6.41
CA ASP E 59 1.64 -21.23 5.21
C ASP E 59 0.70 -20.03 5.34
N SER E 60 -0.36 -20.18 6.13
CA SER E 60 -1.33 -19.09 6.36
C SER E 60 -0.67 -17.84 6.98
N GLN E 61 0.38 -18.06 7.76
CA GLN E 61 1.05 -16.97 8.41
C GLN E 61 1.89 -16.01 7.55
N LYS E 62 2.39 -16.50 6.41
CA LYS E 62 3.25 -15.69 5.55
C LYS E 62 2.73 -14.29 5.24
N LYS E 63 1.52 -14.21 4.70
CA LYS E 63 0.94 -12.92 4.38
C LYS E 63 0.76 -12.09 5.64
N ALA E 64 0.35 -12.77 6.72
CA ALA E 64 0.13 -12.06 8.00
C ALA E 64 1.45 -11.49 8.45
N ILE E 65 2.53 -12.20 8.16
CA ILE E 65 3.85 -11.70 8.53
C ILE E 65 4.20 -10.43 7.76
N GLU E 66 3.88 -10.42 6.47
CA GLU E 66 4.15 -9.26 5.64
C GLU E 66 3.31 -8.11 6.13
N ARG E 67 2.07 -8.42 6.50
CA ARG E 67 1.14 -7.41 6.98
C ARG E 67 1.62 -6.77 8.28
N MET E 68 2.10 -7.60 9.21
CA MET E 68 2.58 -7.08 10.50
C MET E 68 3.73 -6.08 10.33
N LYS E 69 4.64 -6.34 9.38
CA LYS E 69 5.76 -5.43 9.15
C LYS E 69 5.29 -4.14 8.55
N ASP E 70 4.29 -4.22 7.68
CA ASP E 70 3.72 -2.99 7.11
C ASP E 70 3.09 -2.18 8.24
N THR E 71 2.31 -2.87 9.08
CA THR E 71 1.64 -2.23 10.20
C THR E 71 2.64 -1.53 11.10
N LEU E 72 3.72 -2.23 11.43
CA LEU E 72 4.73 -1.63 12.31
C LEU E 72 5.35 -0.41 11.66
N ARG E 73 5.57 -0.48 10.35
CA ARG E 73 6.16 0.64 9.64
C ARG E 73 5.29 1.87 9.68
N ILE E 74 3.99 1.71 9.37
CA ILE E 74 3.10 2.85 9.35
C ILE E 74 2.79 3.41 10.73
N ALA E 75 2.64 2.54 11.74
CA ALA E 75 2.39 3.01 13.09
C ALA E 75 3.60 3.88 13.52
N TYR E 76 4.78 3.41 13.15
CA TYR E 76 6.00 4.17 13.45
C TYR E 76 5.97 5.53 12.76
N LEU E 77 5.77 5.52 11.45
CA LEU E 77 5.74 6.78 10.71
C LEU E 77 4.71 7.74 11.23
N THR E 78 3.55 7.20 11.49
CA THR E 78 2.47 8.03 11.97
C THR E 78 2.52 8.30 13.47
N GLU E 79 3.48 7.70 14.17
CA GLU E 79 3.62 7.88 15.62
C GLU E 79 2.37 7.43 16.37
N ALA E 80 1.74 6.40 15.85
CA ALA E 80 0.53 5.88 16.48
C ALA E 80 0.92 5.20 17.79
N LYS E 81 0.18 5.48 18.84
CA LYS E 81 0.49 4.86 20.09
C LYS E 81 0.13 3.37 20.06
N VAL E 82 1.07 2.53 20.46
CA VAL E 82 0.80 1.11 20.51
C VAL E 82 0.25 0.81 21.88
N GLU E 83 -0.85 0.09 21.92
CA GLU E 83 -1.44 -0.28 23.21
C GLU E 83 -0.68 -1.46 23.82
N LYS E 84 -0.80 -2.63 23.22
CA LYS E 84 -0.14 -3.84 23.71
C LYS E 84 0.44 -4.67 22.60
N LEU E 85 1.39 -5.52 22.99
CA LEU E 85 2.00 -6.46 22.07
C LEU E 85 1.86 -7.85 22.71
N CYS E 86 1.49 -8.82 21.89
CA CYS E 86 1.44 -10.22 22.35
C CYS E 86 2.68 -10.75 21.63
N VAL E 87 3.62 -11.30 22.39
CA VAL E 87 4.84 -11.80 21.80
C VAL E 87 5.19 -13.22 22.28
N TRP E 88 6.08 -13.88 21.55
CA TRP E 88 6.55 -15.18 21.96
C TRP E 88 7.78 -14.78 22.80
N ASN E 89 7.90 -15.31 24.02
CA ASN E 89 9.03 -14.94 24.87
C ASN E 89 10.10 -16.02 25.00
N ASN E 90 10.10 -16.95 24.04
CA ASN E 90 11.08 -18.02 23.94
C ASN E 90 11.95 -17.65 22.74
N LYS E 91 11.90 -16.36 22.38
CA LYS E 91 12.65 -15.83 21.25
C LYS E 91 13.24 -14.49 21.70
N THR E 92 14.37 -14.11 21.12
CA THR E 92 15.03 -12.87 21.48
C THR E 92 15.64 -12.12 20.31
N PRO E 93 15.23 -10.83 20.17
CA PRO E 93 14.26 -10.14 21.05
C PRO E 93 12.90 -10.86 20.99
N HIS E 94 11.99 -10.55 21.90
CA HIS E 94 10.68 -11.20 21.87
C HIS E 94 10.04 -10.96 20.51
N ALA E 95 9.44 -12.01 19.97
CA ALA E 95 8.80 -11.96 18.64
C ALA E 95 7.31 -11.60 18.68
N ILE E 96 6.90 -10.68 17.81
CA ILE E 96 5.53 -10.22 17.77
C ILE E 96 4.54 -11.20 17.19
N ALA E 97 3.53 -11.56 17.97
CA ALA E 97 2.48 -12.47 17.52
C ALA E 97 1.26 -11.61 17.13
N ALA E 98 1.03 -10.51 17.86
CA ALA E 98 -0.08 -9.62 17.60
C ALA E 98 0.12 -8.22 18.18
N ILE E 99 -0.68 -7.27 17.70
CA ILE E 99 -0.60 -5.89 18.17
C ILE E 99 -1.97 -5.24 18.27
N SER E 100 -2.18 -4.47 19.34
CA SER E 100 -3.42 -3.73 19.53
C SER E 100 -3.00 -2.27 19.58
N MET E 101 -3.87 -1.41 19.08
CA MET E 101 -3.62 0.01 19.09
C MET E 101 -4.92 0.70 19.45
N ALA E 102 -4.82 1.60 20.41
CA ALA E 102 -5.93 2.41 20.89
C ALA E 102 -5.25 3.62 21.54
N ASN E 103 -5.94 4.75 21.54
CA ASN E 103 -5.38 5.97 22.15
C ASN E 103 -5.61 6.03 23.69
#